data_3JYS
#
_entry.id   3JYS
#
_cell.length_a   63.929
_cell.length_b   63.929
_cell.length_c   266.398
_cell.angle_alpha   90.000
_cell.angle_beta   90.000
_cell.angle_gamma   90.000
#
_symmetry.space_group_name_H-M   'P 41 21 2'
#
loop_
_entity.id
_entity.type
_entity.pdbx_description
1 polymer 'SusD superfamily protein'
2 non-polymer 'MAGNESIUM ION'
3 water water
#
_entity_poly.entity_id   1
_entity_poly.type   'polypeptide(L)'
_entity_poly.pdbx_seq_one_letter_code
;GDKAYTDAESYTKGLHKIYSVWALSGQDGSSSSDISGLDAGNTALLRCWWTLQEQPTDE(MSE)KNAWNDAWCTEVNY
(MSE)TWTTNKVEPIEGVYQRC(MSE)YIVALVNEFLKNIPNAPESIDKESYIAQARFNRAFAYYVL(MSE)D(MSE)FA
LPPFITEKNYSIEPAPLSREDLFNWIEAELNEIKPNLPSPRSEYGVADQAVASALLAR(MSE)YLNAEIYTGKARYTECI
NACNEVIKAGYQLADNYADLFKADNGENPDTKKEIIYPIIFDGDKTQSWG(MSE)AAIIIGARGAEDKDVLLAHSGVDQG
WAGFRATSNLVHLFDFQNDEEPKASEIQDKRGIFYDKGRSIDITSSVSGTFETEGWSVFKFSNLNSNGQPGKNTLWVDTD
FP(MSE)FRLGDIYL(MSE)YAEAVARGGEGSKASAVEYINALRKRAYGDDKHNISENWLEENNFRNLLDERGRELYWEG
IRRTDLVRFDLLTSGSYTWDFKGGINTGVGVNKRYNVYPIPVTDLTVNGNLQQNEGY
;
_entity_poly.pdbx_strand_id   A
#
# COMPACT_ATOMS: atom_id res chain seq x y z
N ASP A 2 8.38 12.38 24.38
CA ASP A 2 7.05 13.02 24.59
C ASP A 2 6.43 12.56 25.91
N LYS A 3 6.21 11.24 26.06
CA LYS A 3 5.77 10.67 27.35
C LYS A 3 6.92 9.80 27.90
N ALA A 4 7.38 10.10 29.11
CA ALA A 4 8.45 9.34 29.77
C ALA A 4 7.97 7.91 30.01
N TYR A 5 8.88 6.97 30.07
CA TYR A 5 8.54 5.60 30.43
C TYR A 5 8.73 5.45 31.93
N THR A 6 7.75 4.85 32.61
CA THR A 6 7.81 4.63 34.08
C THR A 6 7.14 3.29 34.45
N ASP A 7 5.82 3.27 34.64
CA ASP A 7 5.09 2.01 34.99
C ASP A 7 4.76 1.12 33.76
N ALA A 8 4.26 -0.09 34.03
CA ALA A 8 3.81 -1.01 32.98
C ALA A 8 2.88 -0.37 31.94
N GLU A 9 1.89 0.38 32.41
CA GLU A 9 0.94 1.04 31.48
C GLU A 9 1.68 1.87 30.42
N SER A 10 2.71 2.60 30.83
CA SER A 10 3.43 3.50 29.94
C SER A 10 4.17 2.74 28.83
N TYR A 11 4.67 1.54 29.13
CA TYR A 11 5.30 0.71 28.10
C TYR A 11 4.26 0.15 27.09
N THR A 12 3.12 -0.35 27.59
CA THR A 12 2.03 -0.78 26.71
C THR A 12 1.48 0.36 25.83
N LYS A 13 1.30 1.54 26.43
CA LYS A 13 0.84 2.72 25.66
CA LYS A 13 0.85 2.71 25.67
C LYS A 13 1.94 3.19 24.69
N GLY A 14 3.21 3.04 25.06
CA GLY A 14 4.31 3.42 24.16
C GLY A 14 4.34 2.57 22.90
N LEU A 15 4.16 1.26 23.07
CA LEU A 15 4.07 0.34 21.93
C LEU A 15 2.87 0.69 21.05
N HIS A 16 1.71 0.86 21.67
CA HIS A 16 0.51 1.27 20.94
C HIS A 16 0.66 2.60 20.18
N LYS A 17 1.32 3.61 20.78
CA LYS A 17 1.62 4.88 20.05
C LYS A 17 2.41 4.59 18.76
N ILE A 18 3.40 3.70 18.84
CA ILE A 18 4.22 3.29 17.70
C ILE A 18 3.36 2.70 16.60
N TYR A 19 2.55 1.70 16.93
CA TYR A 19 1.60 1.11 15.97
C TYR A 19 0.64 2.18 15.38
N SER A 20 0.26 3.16 16.21
CA SER A 20 -0.77 4.14 15.88
CA SER A 20 -0.79 4.08 15.84
C SER A 20 -0.36 5.17 14.86
N VAL A 21 0.94 5.35 14.63
CA VAL A 21 1.38 6.42 13.74
C VAL A 21 0.79 6.28 12.34
N TRP A 22 0.57 5.05 11.88
CA TRP A 22 -0.04 4.85 10.56
C TRP A 22 -1.44 5.47 10.45
N ALA A 23 -2.25 5.32 11.50
CA ALA A 23 -3.65 5.80 11.50
C ALA A 23 -3.80 7.29 11.93
N LEU A 24 -2.76 7.83 12.58
CA LEU A 24 -2.81 9.14 13.23
C LEU A 24 -2.84 10.30 12.23
N SER A 25 -3.68 11.30 12.49
CA SER A 25 -3.64 12.55 11.71
C SER A 25 -2.60 13.48 12.35
N GLY A 26 -2.91 14.04 13.54
CA GLY A 26 -1.91 14.68 14.42
C GLY A 26 -2.19 16.13 14.72
N THR A 43 0.61 15.69 7.05
CA THR A 43 -0.67 15.08 7.48
C THR A 43 -0.46 13.56 7.70
N ALA A 44 -1.51 12.75 7.53
CA ALA A 44 -1.54 11.37 8.00
C ALA A 44 -0.66 10.44 7.15
N LEU A 45 0.12 9.59 7.83
CA LEU A 45 1.04 8.68 7.12
C LEU A 45 0.34 7.81 6.08
N LEU A 46 -0.76 7.15 6.45
CA LEU A 46 -1.44 6.29 5.47
C LEU A 46 -1.84 7.04 4.21
N ARG A 47 -2.42 8.21 4.35
CA ARG A 47 -2.88 9.01 3.23
C ARG A 47 -1.72 9.46 2.33
N CYS A 48 -0.68 10.00 2.96
CA CYS A 48 0.52 10.46 2.22
C CYS A 48 1.17 9.30 1.47
N TRP A 49 1.39 8.21 2.18
CA TRP A 49 1.95 7.04 1.55
C TRP A 49 1.11 6.53 0.39
N TRP A 50 -0.19 6.38 0.62
CA TRP A 50 -1.10 5.90 -0.40
C TRP A 50 -1.07 6.81 -1.62
N THR A 51 -1.12 8.10 -1.38
CA THR A 51 -1.06 9.08 -2.46
C THR A 51 0.17 8.90 -3.30
N LEU A 52 1.33 8.77 -2.64
CA LEU A 52 2.60 8.65 -3.34
C LEU A 52 2.75 7.34 -4.07
N GLN A 53 1.98 6.32 -3.68
CA GLN A 53 2.04 5.00 -4.29
C GLN A 53 1.03 4.83 -5.45
N GLU A 54 0.08 5.76 -5.57
CA GLU A 54 -0.99 5.67 -6.52
C GLU A 54 -1.03 6.82 -7.52
N GLN A 55 -0.88 8.05 -7.04
CA GLN A 55 -1.05 9.25 -7.88
C GLN A 55 -0.12 9.44 -9.09
N PRO A 56 1.16 9.00 -9.01
CA PRO A 56 2.00 9.05 -10.20
C PRO A 56 1.79 7.88 -11.17
N THR A 57 0.90 6.94 -10.82
CA THR A 57 0.79 5.68 -11.57
C THR A 57 -0.29 5.72 -12.67
N ASP A 58 -0.47 4.59 -13.35
CA ASP A 58 -1.64 4.34 -14.19
C ASP A 58 -2.98 4.07 -13.46
N GLU A 59 -3.01 4.13 -12.13
CA GLU A 59 -4.23 3.78 -11.38
C GLU A 59 -5.06 4.93 -10.92
N LYS A 61 -5.43 9.47 -10.90
CA LYS A 61 -5.09 10.85 -11.11
C LYS A 61 -6.00 11.72 -10.25
N ASN A 62 -5.38 12.76 -9.68
CA ASN A 62 -6.00 13.62 -8.68
C ASN A 62 -6.46 14.93 -9.34
N ALA A 63 -7.75 15.24 -9.15
CA ALA A 63 -8.39 16.43 -9.71
C ALA A 63 -8.17 17.74 -8.91
N TRP A 64 -7.51 17.68 -7.75
CA TRP A 64 -7.19 18.91 -6.98
C TRP A 64 -6.19 19.83 -7.71
N ASN A 65 -6.34 21.14 -7.52
CA ASN A 65 -5.57 22.16 -8.24
CA ASN A 65 -5.55 22.13 -8.27
C ASN A 65 -4.22 22.52 -7.60
N ASP A 66 -3.97 22.02 -6.39
CA ASP A 66 -2.69 22.31 -5.70
C ASP A 66 -1.53 22.03 -6.64
N ALA A 67 -0.51 22.88 -6.61
CA ALA A 67 0.64 22.73 -7.48
C ALA A 67 1.31 21.37 -7.26
N TRP A 68 1.37 20.91 -6.00
CA TRP A 68 1.96 19.58 -5.77
C TRP A 68 1.18 18.49 -6.48
N CYS A 69 -0.14 18.63 -6.63
CA CYS A 69 -0.92 17.55 -7.26
C CYS A 69 -0.54 17.32 -8.70
N THR A 70 -0.34 18.41 -9.45
CA THR A 70 0.08 18.29 -10.83
C THR A 70 1.42 17.58 -10.92
N GLU A 71 2.37 18.04 -10.12
CA GLU A 71 3.73 17.47 -10.11
C GLU A 71 3.66 15.97 -9.82
N VAL A 72 2.91 15.59 -8.78
CA VAL A 72 2.78 14.17 -8.44
C VAL A 72 1.94 13.42 -9.48
N ASN A 73 0.81 13.98 -9.93
CA ASN A 73 0.08 13.40 -11.05
C ASN A 73 0.99 13.03 -12.23
N TYR A 74 1.88 13.94 -12.60
CA TYR A 74 2.63 13.85 -13.86
C TYR A 74 4.01 13.19 -13.71
N THR A 76 6.64 15.20 -12.45
CA THR A 76 7.45 16.36 -12.86
C THR A 76 7.96 17.11 -11.62
N TRP A 77 7.87 16.49 -10.44
CA TRP A 77 8.32 17.12 -9.20
C TRP A 77 9.82 17.35 -9.24
N THR A 78 10.30 18.26 -8.39
CA THR A 78 11.75 18.57 -8.31
C THR A 78 12.07 18.37 -6.85
N THR A 79 13.09 19.04 -6.34
CA THR A 79 13.33 19.04 -4.89
C THR A 79 12.54 20.14 -4.16
N ASN A 80 11.75 20.96 -4.86
CA ASN A 80 10.79 21.84 -4.19
C ASN A 80 9.86 20.99 -3.30
N LYS A 81 9.56 21.52 -2.11
CA LYS A 81 8.77 20.81 -1.12
C LYS A 81 7.39 20.38 -1.66
N VAL A 82 7.04 19.11 -1.45
CA VAL A 82 5.77 18.55 -1.87
C VAL A 82 5.14 17.87 -0.65
N GLU A 83 3.98 18.35 -0.22
CA GLU A 83 3.43 18.03 1.11
C GLU A 83 3.35 16.52 1.46
N PRO A 84 2.90 15.67 0.52
CA PRO A 84 2.88 14.26 0.86
C PRO A 84 4.27 13.61 0.98
N ILE A 85 5.24 14.11 0.21
CA ILE A 85 6.62 13.65 0.30
C ILE A 85 7.12 13.92 1.70
N GLU A 86 6.95 15.16 2.17
CA GLU A 86 7.32 15.54 3.54
C GLU A 86 6.62 14.68 4.58
N GLY A 87 5.30 14.51 4.42
CA GLY A 87 4.51 13.64 5.31
C GLY A 87 5.07 12.22 5.49
N VAL A 88 5.36 11.54 4.38
CA VAL A 88 5.78 10.18 4.46
C VAL A 88 7.15 10.10 5.15
N TYR A 89 8.07 10.97 4.73
CA TYR A 89 9.39 11.00 5.30
C TYR A 89 9.39 11.33 6.78
N GLN A 90 8.74 12.43 7.18
CA GLN A 90 8.71 12.84 8.61
CA GLN A 90 8.79 12.82 8.58
C GLN A 90 8.09 11.77 9.49
N ARG A 91 6.96 11.21 9.03
CA ARG A 91 6.21 10.22 9.81
C ARG A 91 6.97 8.87 9.94
N CYS A 92 7.54 8.36 8.85
CA CYS A 92 8.41 7.18 8.97
C CYS A 92 9.59 7.39 9.92
N TYR A 94 9.75 9.44 12.29
CA TYR A 94 9.14 9.55 13.62
C TYR A 94 8.90 8.19 14.26
N ILE A 95 8.41 7.24 13.46
CA ILE A 95 8.27 5.85 13.92
C ILE A 95 9.60 5.30 14.38
N VAL A 96 10.62 5.46 13.54
CA VAL A 96 11.98 5.05 13.87
C VAL A 96 12.42 5.72 15.21
N ALA A 97 12.25 7.03 15.34
CA ALA A 97 12.59 7.73 16.61
C ALA A 97 11.89 7.11 17.83
N LEU A 98 10.59 6.87 17.72
CA LEU A 98 9.81 6.31 18.82
C LEU A 98 10.30 4.94 19.20
N VAL A 99 10.53 4.07 18.20
CA VAL A 99 11.01 2.74 18.46
C VAL A 99 12.37 2.77 19.15
N ASN A 100 13.24 3.68 18.70
CA ASN A 100 14.59 3.73 19.25
C ASN A 100 14.52 4.14 20.70
N GLU A 101 13.65 5.10 21.04
CA GLU A 101 13.51 5.51 22.45
C GLU A 101 12.89 4.37 23.28
N PHE A 102 11.90 3.71 22.71
CA PHE A 102 11.25 2.57 23.37
C PHE A 102 12.29 1.48 23.71
N LEU A 103 13.09 1.10 22.73
CA LEU A 103 14.10 0.04 22.92
C LEU A 103 15.15 0.44 23.97
N LYS A 104 15.44 1.72 24.02
CA LYS A 104 16.38 2.24 25.01
C LYS A 104 15.80 2.12 26.43
N ASN A 105 14.48 2.24 26.57
CA ASN A 105 13.81 2.21 27.89
C ASN A 105 13.36 0.81 28.35
N ILE A 106 13.03 -0.05 27.39
CA ILE A 106 12.40 -1.35 27.67
C ILE A 106 13.14 -2.27 28.67
N PRO A 107 14.49 -2.19 28.77
CA PRO A 107 15.11 -3.01 29.83
C PRO A 107 14.70 -2.63 31.26
N ASN A 108 14.27 -1.38 31.50
CA ASN A 108 13.78 -0.97 32.82
C ASN A 108 12.32 -1.29 33.08
N ALA A 109 11.66 -1.96 32.13
CA ALA A 109 10.23 -2.28 32.27
C ALA A 109 9.99 -3.15 33.49
N PRO A 110 8.86 -2.93 34.19
CA PRO A 110 8.45 -3.80 35.30
C PRO A 110 8.31 -5.25 34.85
N GLU A 111 8.22 -6.17 35.82
CA GLU A 111 8.23 -7.63 35.55
CA GLU A 111 8.27 -7.60 35.51
C GLU A 111 6.99 -8.04 34.76
N SER A 112 5.88 -7.33 34.96
CA SER A 112 4.61 -7.66 34.27
C SER A 112 4.66 -7.50 32.74
N ILE A 113 5.68 -6.80 32.23
CA ILE A 113 5.78 -6.58 30.80
C ILE A 113 6.59 -7.70 30.14
N ASP A 114 6.07 -8.20 29.03
CA ASP A 114 6.74 -9.23 28.25
C ASP A 114 7.76 -8.54 27.33
N LYS A 115 8.97 -8.34 27.88
CA LYS A 115 10.00 -7.56 27.19
C LYS A 115 10.31 -8.14 25.83
N GLU A 116 10.46 -9.47 25.78
CA GLU A 116 10.85 -10.09 24.53
C GLU A 116 9.79 -9.86 23.42
N SER A 117 8.51 -9.93 23.78
CA SER A 117 7.44 -9.68 22.81
C SER A 117 7.39 -8.20 22.40
N TYR A 118 7.50 -7.32 23.39
CA TYR A 118 7.42 -5.88 23.12
C TYR A 118 8.60 -5.43 22.24
N ILE A 119 9.79 -5.99 22.46
CA ILE A 119 10.98 -5.63 21.67
C ILE A 119 10.80 -6.09 20.24
N ALA A 120 10.30 -7.32 20.08
CA ALA A 120 10.08 -7.89 18.76
C ALA A 120 9.09 -7.05 17.97
N GLN A 121 8.06 -6.56 18.64
CA GLN A 121 7.03 -5.80 17.96
C GLN A 121 7.49 -4.36 17.67
N ALA A 122 8.14 -3.70 18.62
CA ALA A 122 8.76 -2.38 18.32
C ALA A 122 9.70 -2.50 17.10
N ARG A 123 10.56 -3.51 17.11
CA ARG A 123 11.48 -3.73 15.99
C ARG A 123 10.77 -3.96 14.67
N PHE A 124 9.62 -4.67 14.69
CA PHE A 124 8.87 -4.86 13.46
C PHE A 124 8.45 -3.50 12.88
N ASN A 125 7.92 -2.64 13.74
CA ASN A 125 7.42 -1.34 13.31
C ASN A 125 8.53 -0.47 12.68
N ARG A 126 9.68 -0.46 13.35
CA ARG A 126 10.86 0.23 12.81
C ARG A 126 11.32 -0.39 11.49
N ALA A 127 11.40 -1.71 11.40
CA ALA A 127 11.74 -2.37 10.14
C ALA A 127 10.79 -1.99 9.02
N PHE A 128 9.49 -1.91 9.30
CA PHE A 128 8.49 -1.57 8.29
C PHE A 128 8.61 -0.11 7.84
N ALA A 129 8.86 0.78 8.81
CA ALA A 129 9.05 2.19 8.52
C ALA A 129 10.29 2.37 7.63
N TYR A 130 11.36 1.65 7.92
CA TYR A 130 12.57 1.67 7.07
C TYR A 130 12.33 1.01 5.72
N TYR A 131 11.47 -0.02 5.67
CA TYR A 131 11.09 -0.64 4.39
C TYR A 131 10.44 0.45 3.49
N VAL A 132 9.48 1.18 4.06
CA VAL A 132 8.73 2.20 3.27
C VAL A 132 9.68 3.29 2.78
N LEU A 133 10.53 3.73 3.68
CA LEU A 133 11.60 4.68 3.33
C LEU A 133 12.55 4.15 2.24
N ASP A 135 12.01 1.75 -0.05
CA ASP A 135 11.27 1.68 -1.28
C ASP A 135 10.94 3.04 -1.95
N PHE A 137 12.24 6.41 -0.92
CA PHE A 137 13.36 7.37 -0.91
C PHE A 137 14.77 6.79 -1.11
N ALA A 138 14.89 5.47 -1.03
CA ALA A 138 16.14 4.74 -1.17
C ALA A 138 17.20 4.93 -0.04
N LEU A 139 17.50 6.18 0.32
CA LEU A 139 18.69 6.52 1.12
C LEU A 139 18.35 7.42 2.31
N PRO A 140 17.45 6.96 3.17
CA PRO A 140 17.23 7.71 4.41
C PRO A 140 18.39 7.64 5.40
N PRO A 141 18.43 8.59 6.34
CA PRO A 141 19.36 8.46 7.45
C PRO A 141 19.09 7.17 8.24
N PHE A 142 20.15 6.49 8.63
CA PHE A 142 20.08 5.21 9.32
C PHE A 142 20.41 5.42 10.79
N ILE A 143 19.37 5.39 11.63
CA ILE A 143 19.50 5.76 13.05
C ILE A 143 18.79 4.68 13.87
N THR A 144 19.56 4.02 14.74
CA THR A 144 19.02 2.99 15.62
C THR A 144 19.29 3.42 17.07
N GLU A 145 18.87 2.59 18.01
CA GLU A 145 19.16 2.84 19.40
C GLU A 145 20.66 2.63 19.68
N LYS A 146 21.41 2.04 18.75
CA LYS A 146 22.83 1.69 19.02
C LYS A 146 23.81 2.67 18.41
N ASN A 147 23.36 3.54 17.52
CA ASN A 147 24.30 4.42 16.83
C ASN A 147 23.91 5.90 16.90
N TYR A 148 23.20 6.29 17.95
CA TYR A 148 22.80 7.72 18.14
C TYR A 148 23.86 8.79 17.75
N SER A 149 23.38 9.79 17.04
CA SER A 149 24.20 10.77 16.30
C SER A 149 23.22 11.96 16.04
N ILE A 150 23.70 13.20 16.14
CA ILE A 150 22.88 14.35 15.70
C ILE A 150 22.64 14.34 14.16
N GLU A 151 23.63 13.81 13.41
CA GLU A 151 23.63 13.81 11.92
C GLU A 151 23.94 12.41 11.38
N PRO A 152 22.97 11.51 11.49
CA PRO A 152 23.23 10.16 11.06
C PRO A 152 23.40 10.03 9.54
N ALA A 153 24.28 9.15 9.09
CA ALA A 153 24.51 8.87 7.68
C ALA A 153 23.51 7.86 7.16
N PRO A 154 23.23 7.90 5.85
CA PRO A 154 22.46 6.85 5.21
C PRO A 154 23.34 5.66 4.94
N LEU A 155 22.74 4.46 4.94
CA LEU A 155 23.38 3.31 4.34
C LEU A 155 23.16 3.32 2.81
N SER A 156 23.89 2.49 2.09
CA SER A 156 23.49 2.22 0.70
C SER A 156 22.12 1.55 0.76
N ARG A 157 21.35 1.66 -0.32
CA ARG A 157 20.06 1.01 -0.36
C ARG A 157 20.18 -0.50 -0.09
N GLU A 158 21.22 -1.12 -0.63
CA GLU A 158 21.40 -2.56 -0.48
C GLU A 158 21.71 -2.89 0.96
N ASP A 159 22.57 -2.09 1.60
CA ASP A 159 22.88 -2.34 3.00
C ASP A 159 21.67 -2.16 3.92
N LEU A 160 20.81 -1.18 3.62
CA LEU A 160 19.58 -0.97 4.37
C LEU A 160 18.66 -2.19 4.22
N PHE A 161 18.46 -2.66 2.98
CA PHE A 161 17.74 -3.91 2.72
C PHE A 161 18.29 -5.02 3.60
N ASN A 162 19.59 -5.21 3.59
CA ASN A 162 20.20 -6.30 4.33
C ASN A 162 19.94 -6.16 5.82
N TRP A 163 19.99 -4.93 6.33
CA TRP A 163 19.69 -4.71 7.74
C TRP A 163 18.21 -5.02 8.10
N ILE A 164 17.27 -4.52 7.28
CA ILE A 164 15.87 -4.76 7.48
C ILE A 164 15.60 -6.26 7.48
N GLU A 165 16.17 -6.98 6.51
CA GLU A 165 15.95 -8.41 6.41
C GLU A 165 16.45 -9.10 7.71
N ALA A 166 17.60 -8.67 8.22
CA ALA A 166 18.17 -9.31 9.39
C ALA A 166 17.32 -8.98 10.64
N GLU A 167 16.76 -7.78 10.70
CA GLU A 167 15.78 -7.43 11.77
C GLU A 167 14.60 -8.41 11.74
N LEU A 168 13.97 -8.53 10.59
CA LEU A 168 12.74 -9.36 10.46
C LEU A 168 13.00 -10.87 10.74
N ASN A 169 14.11 -11.42 10.20
CA ASN A 169 14.52 -12.80 10.47
C ASN A 169 14.81 -13.02 11.93
N GLU A 170 15.47 -12.07 12.59
CA GLU A 170 15.76 -12.27 13.99
C GLU A 170 14.51 -12.19 14.87
N ILE A 171 13.62 -11.22 14.61
CA ILE A 171 12.50 -11.02 15.52
C ILE A 171 11.36 -12.02 15.34
N LYS A 172 11.33 -12.71 14.21
CA LYS A 172 10.14 -13.48 13.82
C LYS A 172 9.77 -14.57 14.83
N PRO A 173 10.74 -15.34 15.34
CA PRO A 173 10.30 -16.33 16.35
C PRO A 173 9.83 -15.73 17.69
N ASN A 174 10.02 -14.43 17.93
CA ASN A 174 9.56 -13.78 19.16
C ASN A 174 8.28 -12.95 19.00
N LEU A 175 7.76 -12.93 17.78
CA LEU A 175 6.53 -12.20 17.49
C LEU A 175 5.37 -13.14 17.83
N PRO A 176 4.17 -12.57 18.11
CA PRO A 176 2.99 -13.39 18.41
C PRO A 176 2.67 -14.38 17.28
N SER A 177 1.97 -15.47 17.60
CA SER A 177 1.63 -16.45 16.56
C SER A 177 0.60 -15.85 15.61
N PRO A 178 0.54 -16.36 14.36
CA PRO A 178 -0.28 -15.70 13.37
C PRO A 178 -1.74 -15.60 13.82
N ARG A 179 -2.32 -14.44 13.60
CA ARG A 179 -3.72 -14.18 13.87
C ARG A 179 -4.12 -14.18 15.31
N SER A 180 -3.16 -14.13 16.23
CA SER A 180 -3.52 -14.13 17.64
C SER A 180 -4.06 -12.77 18.10
N GLU A 181 -3.96 -11.73 17.30
CA GLU A 181 -4.57 -10.45 17.63
C GLU A 181 -4.57 -9.52 16.42
N TYR A 182 -5.76 -9.22 15.94
CA TYR A 182 -5.91 -8.47 14.71
C TYR A 182 -5.31 -7.08 14.92
N GLY A 183 -4.37 -6.72 14.05
CA GLY A 183 -3.67 -5.43 14.14
C GLY A 183 -2.24 -5.50 14.67
N VAL A 184 -1.92 -6.56 15.39
CA VAL A 184 -0.56 -6.77 15.93
C VAL A 184 0.32 -7.37 14.85
N ALA A 185 1.62 -7.03 14.88
CA ALA A 185 2.58 -7.57 13.91
C ALA A 185 2.93 -8.98 14.35
N ASP A 186 2.29 -9.99 13.79
CA ASP A 186 2.52 -11.37 14.21
C ASP A 186 3.56 -12.01 13.29
N GLN A 187 3.88 -13.27 13.50
CA GLN A 187 4.89 -13.95 12.68
C GLN A 187 4.58 -13.91 11.18
N ALA A 188 3.31 -14.07 10.84
CA ALA A 188 2.89 -14.04 9.45
C ALA A 188 3.02 -12.64 8.82
N VAL A 189 2.81 -11.59 9.63
CA VAL A 189 2.96 -10.22 9.17
C VAL A 189 4.41 -9.98 8.77
N ALA A 190 5.33 -10.45 9.62
CA ALA A 190 6.78 -10.33 9.30
C ALA A 190 7.08 -11.10 8.00
N SER A 191 6.47 -12.26 7.80
CA SER A 191 6.73 -13.02 6.57
C SER A 191 6.10 -12.32 5.36
N ALA A 192 4.94 -11.69 5.51
CA ALA A 192 4.30 -10.97 4.38
C ALA A 192 5.20 -9.79 3.95
N LEU A 193 5.81 -9.12 4.92
CA LEU A 193 6.67 -7.98 4.61
C LEU A 193 7.92 -8.47 3.93
N LEU A 194 8.50 -9.56 4.42
CA LEU A 194 9.63 -10.15 3.72
C LEU A 194 9.27 -10.58 2.25
N ALA A 195 8.09 -11.16 2.03
CA ALA A 195 7.70 -11.56 0.71
C ALA A 195 7.72 -10.32 -0.22
N ARG A 196 7.21 -9.20 0.28
CA ARG A 196 7.08 -7.99 -0.50
C ARG A 196 8.48 -7.43 -0.73
N TYR A 198 11.38 -9.22 -0.81
CA TYR A 198 12.08 -10.13 -1.69
C TYR A 198 11.61 -10.04 -3.13
N LEU A 199 10.30 -9.94 -3.35
CA LEU A 199 9.76 -9.74 -4.70
C LEU A 199 10.48 -8.57 -5.40
N ASN A 200 10.69 -7.51 -4.65
CA ASN A 200 11.28 -6.28 -5.14
C ASN A 200 12.78 -6.17 -4.96
N ALA A 201 13.45 -7.28 -4.64
CA ALA A 201 14.86 -7.16 -4.19
C ALA A 201 15.78 -6.76 -5.30
N GLU A 202 15.48 -7.13 -6.53
CA GLU A 202 16.30 -6.75 -7.64
C GLU A 202 16.34 -5.22 -7.81
N ILE A 203 15.21 -4.56 -7.57
CA ILE A 203 15.14 -3.11 -7.49
C ILE A 203 15.98 -2.62 -6.32
N TYR A 204 15.77 -3.14 -5.11
CA TYR A 204 16.45 -2.51 -3.96
C TYR A 204 17.96 -2.83 -3.86
N THR A 205 18.39 -3.97 -4.41
CA THR A 205 19.70 -4.48 -4.15
C THR A 205 20.51 -4.79 -5.39
N GLY A 206 19.87 -4.81 -6.57
CA GLY A 206 20.54 -5.25 -7.77
C GLY A 206 20.53 -6.75 -7.95
N LYS A 207 20.03 -7.52 -6.98
CA LYS A 207 20.02 -8.98 -7.04
C LYS A 207 18.61 -9.54 -6.72
N ALA A 208 18.13 -10.42 -7.56
CA ALA A 208 16.80 -11.04 -7.45
C ALA A 208 16.79 -12.05 -6.29
N ARG A 209 15.62 -12.22 -5.64
CA ARG A 209 15.46 -13.07 -4.48
C ARG A 209 14.10 -13.75 -4.53
N TYR A 210 13.78 -14.31 -5.70
CA TYR A 210 12.47 -14.83 -5.99
C TYR A 210 12.21 -16.11 -5.19
N THR A 211 13.24 -16.94 -5.00
CA THR A 211 13.11 -18.14 -4.16
C THR A 211 12.77 -17.74 -2.72
N GLU A 212 13.48 -16.76 -2.20
CA GLU A 212 13.19 -16.28 -0.83
C GLU A 212 11.79 -15.66 -0.72
N CYS A 213 11.34 -15.00 -1.79
CA CYS A 213 9.96 -14.49 -1.86
C CYS A 213 8.96 -15.62 -1.68
N ILE A 214 9.17 -16.69 -2.43
CA ILE A 214 8.31 -17.90 -2.38
C ILE A 214 8.32 -18.51 -0.97
N ASN A 215 9.49 -18.61 -0.38
CA ASN A 215 9.63 -19.13 0.99
C ASN A 215 8.83 -18.33 2.00
N ALA A 216 8.90 -17.00 1.92
CA ALA A 216 8.11 -16.13 2.80
C ALA A 216 6.59 -16.26 2.51
N CYS A 217 6.21 -16.34 1.23
CA CYS A 217 4.80 -16.56 0.87
C CYS A 217 4.28 -17.89 1.48
N ASN A 218 5.07 -18.94 1.40
CA ASN A 218 4.67 -20.24 1.96
C ASN A 218 4.49 -20.17 3.49
N GLU A 219 5.29 -19.39 4.18
CA GLU A 219 5.14 -19.21 5.64
CA GLU A 219 5.14 -19.21 5.64
C GLU A 219 3.76 -18.61 5.95
N VAL A 220 3.34 -17.66 5.12
CA VAL A 220 2.01 -17.05 5.28
C VAL A 220 0.93 -18.08 4.92
N ILE A 221 1.04 -18.72 3.77
CA ILE A 221 0.03 -19.64 3.28
C ILE A 221 -0.20 -20.80 4.27
N LYS A 222 0.88 -21.29 4.85
CA LYS A 222 0.78 -22.36 5.82
C LYS A 222 0.14 -21.91 7.15
N ALA A 223 0.09 -20.60 7.43
CA ALA A 223 -0.58 -20.13 8.67
C ALA A 223 -2.14 -20.15 8.62
N GLY A 224 -2.74 -20.67 7.55
CA GLY A 224 -4.19 -20.91 7.55
C GLY A 224 -5.08 -19.75 7.09
N TYR A 225 -4.53 -18.70 6.52
CA TYR A 225 -5.34 -17.65 5.94
C TYR A 225 -6.11 -18.20 4.75
N GLN A 226 -7.24 -17.59 4.44
CA GLN A 226 -8.08 -17.97 3.30
CA GLN A 226 -7.94 -17.96 3.22
C GLN A 226 -8.58 -16.74 2.58
N LEU A 227 -8.83 -16.87 1.30
CA LEU A 227 -9.51 -15.79 0.56
C LEU A 227 -10.93 -15.58 1.09
N ALA A 228 -11.30 -14.31 1.31
CA ALA A 228 -12.68 -13.92 1.62
C ALA A 228 -13.59 -14.40 0.49
N ASP A 229 -14.81 -14.79 0.84
CA ASP A 229 -15.77 -15.18 -0.16
C ASP A 229 -16.12 -14.01 -1.02
N ASN A 230 -16.28 -12.86 -0.40
CA ASN A 230 -16.75 -11.69 -1.08
C ASN A 230 -15.62 -10.65 -1.24
N TYR A 231 -15.18 -10.42 -2.46
CA TYR A 231 -14.05 -9.47 -2.71
C TYR A 231 -14.36 -8.07 -2.18
N ALA A 232 -15.56 -7.52 -2.50
CA ALA A 232 -15.89 -6.14 -2.16
C ALA A 232 -15.84 -5.89 -0.64
N ASP A 233 -16.25 -6.89 0.15
CA ASP A 233 -16.33 -6.72 1.59
C ASP A 233 -14.97 -6.53 2.25
N LEU A 234 -13.89 -6.95 1.55
CA LEU A 234 -12.50 -6.69 1.99
C LEU A 234 -12.24 -5.21 2.27
N PHE A 235 -13.02 -4.35 1.64
CA PHE A 235 -12.79 -2.91 1.69
C PHE A 235 -13.99 -2.13 2.22
N LYS A 236 -14.92 -2.83 2.86
CA LYS A 236 -16.07 -2.21 3.51
C LYS A 236 -15.80 -1.89 4.98
N ALA A 237 -16.75 -1.18 5.59
CA ALA A 237 -16.67 -0.63 6.97
C ALA A 237 -16.33 -1.64 8.03
N ASP A 238 -16.90 -2.81 7.90
CA ASP A 238 -16.77 -3.86 8.90
C ASP A 238 -15.75 -4.92 8.48
N ASN A 239 -14.75 -4.55 7.67
CA ASN A 239 -13.79 -5.56 7.16
C ASN A 239 -12.98 -6.20 8.27
N GLY A 240 -12.75 -5.42 9.33
CA GLY A 240 -12.03 -5.86 10.49
C GLY A 240 -12.81 -6.71 11.48
N GLU A 241 -14.14 -6.69 11.40
CA GLU A 241 -14.99 -7.46 12.29
C GLU A 241 -15.68 -8.65 11.57
N ASN A 242 -15.80 -8.59 10.24
CA ASN A 242 -16.43 -9.66 9.46
C ASN A 242 -15.50 -10.86 9.44
N PRO A 243 -15.95 -12.04 9.90
CA PRO A 243 -15.05 -13.20 9.85
C PRO A 243 -14.64 -13.60 8.43
N ASP A 244 -15.49 -13.31 7.45
CA ASP A 244 -15.18 -13.70 6.09
C ASP A 244 -13.92 -12.94 5.59
N THR A 245 -13.83 -11.65 5.88
CA THR A 245 -12.69 -10.84 5.43
C THR A 245 -11.47 -10.95 6.33
N LYS A 246 -11.69 -11.10 7.64
CA LYS A 246 -10.58 -11.43 8.57
C LYS A 246 -9.81 -12.69 8.21
N LYS A 247 -10.41 -13.67 7.55
CA LYS A 247 -9.67 -14.85 7.07
C LYS A 247 -8.48 -14.44 6.16
N GLU A 248 -8.58 -13.29 5.49
CA GLU A 248 -7.66 -12.89 4.39
C GLU A 248 -6.68 -11.76 4.77
N ILE A 249 -7.13 -10.84 5.63
CA ILE A 249 -6.37 -9.70 6.06
C ILE A 249 -5.25 -10.17 7.01
N ILE A 250 -3.99 -10.04 6.58
CA ILE A 250 -2.83 -10.46 7.41
C ILE A 250 -2.45 -9.32 8.35
N TYR A 251 -2.36 -8.10 7.82
CA TYR A 251 -2.01 -6.93 8.61
C TYR A 251 -2.85 -5.74 8.21
N PRO A 252 -3.71 -5.29 9.11
CA PRO A 252 -4.53 -4.12 8.84
C PRO A 252 -3.94 -2.86 9.46
N ILE A 253 -4.25 -1.69 8.91
CA ILE A 253 -4.14 -0.45 9.67
C ILE A 253 -5.57 -0.20 10.15
N ILE A 254 -5.77 -0.26 11.46
CA ILE A 254 -7.12 -0.34 12.00
C ILE A 254 -7.77 1.04 12.10
N PHE A 255 -9.04 1.12 11.69
CA PHE A 255 -9.87 2.29 11.92
C PHE A 255 -11.20 1.90 12.54
N ASP A 256 -11.72 2.85 13.32
CA ASP A 256 -13.01 2.67 13.99
C ASP A 256 -13.66 4.03 14.34
N GLY A 257 -14.94 4.16 14.02
CA GLY A 257 -15.69 5.39 14.32
C GLY A 257 -15.69 5.84 15.78
N ASP A 258 -15.44 4.91 16.71
CA ASP A 258 -15.21 5.20 18.14
C ASP A 258 -13.77 4.84 18.54
N SER A 262 -9.06 10.61 14.13
CA SER A 262 -8.01 10.48 13.11
C SER A 262 -8.58 10.41 11.66
N TRP A 263 -8.02 11.18 10.72
CA TRP A 263 -8.60 11.34 9.37
C TRP A 263 -7.91 10.54 8.24
N GLY A 264 -6.94 9.67 8.55
CA GLY A 264 -6.23 8.87 7.49
C GLY A 264 -7.06 8.13 6.42
N ALA A 266 -10.42 7.98 6.41
CA ALA A 266 -11.52 8.89 6.07
C ALA A 266 -11.15 9.68 4.83
N ALA A 267 -9.95 10.24 4.79
CA ALA A 267 -9.50 11.04 3.65
C ALA A 267 -9.38 10.24 2.32
N ILE A 268 -8.89 9.00 2.37
CA ILE A 268 -8.86 8.14 1.19
C ILE A 268 -10.26 7.85 0.65
N ILE A 269 -11.22 7.60 1.55
CA ILE A 269 -12.58 7.33 1.10
C ILE A 269 -13.25 8.61 0.56
N ILE A 270 -13.28 9.65 1.38
CA ILE A 270 -13.96 10.89 1.08
C ILE A 270 -13.30 11.57 -0.12
N GLY A 271 -11.98 11.43 -0.20
CA GLY A 271 -11.22 12.00 -1.31
C GLY A 271 -11.64 11.49 -2.69
N ALA A 272 -12.23 10.30 -2.74
CA ALA A 272 -12.62 9.64 -3.97
C ALA A 272 -14.10 9.85 -4.27
N ARG A 273 -14.78 10.66 -3.47
CA ARG A 273 -16.18 10.98 -3.72
C ARG A 273 -16.30 12.39 -4.22
N GLY A 274 -17.36 12.65 -4.97
CA GLY A 274 -17.56 13.98 -5.53
C GLY A 274 -18.46 14.83 -4.67
N ALA A 275 -18.64 16.06 -5.12
CA ALA A 275 -19.55 16.99 -4.48
C ALA A 275 -21.01 16.65 -4.83
N GLU A 276 -21.55 15.61 -4.21
CA GLU A 276 -22.94 15.18 -4.38
C GLU A 276 -23.74 15.55 -3.14
N ASP A 277 -25.06 15.40 -3.22
CA ASP A 277 -25.96 15.53 -2.07
C ASP A 277 -25.54 14.57 -0.93
N LYS A 278 -25.42 15.09 0.31
CA LYS A 278 -25.08 14.27 1.49
C LYS A 278 -25.74 12.89 1.53
N ASP A 279 -27.05 12.87 1.31
CA ASP A 279 -27.83 11.64 1.34
C ASP A 279 -27.43 10.65 0.25
N VAL A 280 -27.17 11.14 -0.97
CA VAL A 280 -26.70 10.24 -2.03
C VAL A 280 -25.30 9.72 -1.71
N LEU A 281 -24.45 10.54 -1.09
CA LEU A 281 -23.11 10.10 -0.62
C LEU A 281 -23.25 9.03 0.46
N LEU A 282 -24.19 9.24 1.40
CA LEU A 282 -24.42 8.26 2.48
C LEU A 282 -25.02 6.97 1.89
N ALA A 283 -25.96 7.14 0.96
CA ALA A 283 -26.61 6.04 0.25
C ALA A 283 -25.59 5.05 -0.30
N HIS A 284 -24.64 5.58 -1.06
CA HIS A 284 -23.78 4.70 -1.79
C HIS A 284 -22.42 4.51 -1.10
N SER A 285 -22.08 5.31 -0.05
CA SER A 285 -20.72 5.26 0.55
C SER A 285 -20.55 5.37 2.08
N GLY A 286 -21.61 5.68 2.81
CA GLY A 286 -21.47 5.85 4.27
C GLY A 286 -20.70 7.08 4.75
N VAL A 287 -20.58 8.10 3.91
CA VAL A 287 -19.88 9.35 4.28
C VAL A 287 -20.70 10.63 3.91
N ASP A 288 -20.42 11.74 4.60
CA ASP A 288 -21.13 13.08 4.41
C ASP A 288 -20.66 13.85 3.19
N GLN A 289 -19.38 13.66 2.91
CA GLN A 289 -18.53 14.59 2.18
C GLN A 289 -17.81 13.88 1.05
N GLY A 290 -17.52 14.61 -0.02
CA GLY A 290 -16.72 14.10 -1.12
C GLY A 290 -15.86 15.26 -1.58
N TRP A 291 -14.55 15.08 -1.54
CA TRP A 291 -13.62 16.17 -1.87
C TRP A 291 -13.19 16.20 -3.34
N ALA A 292 -13.68 15.28 -4.17
CA ALA A 292 -13.49 15.40 -5.62
C ALA A 292 -11.99 15.47 -5.98
N GLY A 293 -11.22 14.53 -5.40
CA GLY A 293 -9.81 14.42 -5.67
C GLY A 293 -9.41 13.21 -6.49
N PHE A 294 -9.37 12.05 -5.81
CA PHE A 294 -8.78 10.86 -6.39
C PHE A 294 -9.76 10.12 -7.30
N ARG A 295 -9.32 9.84 -8.53
CA ARG A 295 -10.11 9.09 -9.45
C ARG A 295 -9.27 8.31 -10.45
N ALA A 296 -9.96 7.54 -11.28
CA ALA A 296 -9.32 6.61 -12.17
C ALA A 296 -8.81 7.22 -13.46
N THR A 297 -7.86 6.51 -14.06
CA THR A 297 -7.46 6.71 -15.44
C THR A 297 -8.21 5.75 -16.35
N SER A 298 -8.08 5.96 -17.65
CA SER A 298 -8.59 5.01 -18.63
C SER A 298 -7.94 3.62 -18.50
N ASN A 299 -6.63 3.59 -18.26
CA ASN A 299 -5.87 2.33 -18.11
C ASN A 299 -6.45 1.41 -17.02
N LEU A 300 -6.79 1.98 -15.87
CA LEU A 300 -7.33 1.18 -14.80
C LEU A 300 -8.67 0.52 -15.25
N VAL A 301 -9.55 1.32 -15.85
CA VAL A 301 -10.84 0.82 -16.31
C VAL A 301 -10.66 -0.29 -17.34
N HIS A 302 -9.77 -0.06 -18.28
CA HIS A 302 -9.54 -1.02 -19.37
C HIS A 302 -8.84 -2.30 -18.92
N LEU A 303 -8.37 -2.37 -17.68
CA LEU A 303 -7.84 -3.64 -17.18
C LEU A 303 -8.96 -4.69 -16.97
N PHE A 304 -10.21 -4.23 -16.80
CA PHE A 304 -11.33 -5.15 -16.45
C PHE A 304 -12.14 -5.53 -17.66
N ASP A 305 -12.65 -6.75 -17.66
CA ASP A 305 -13.56 -7.20 -18.70
C ASP A 305 -14.96 -6.64 -18.47
N PHE A 306 -15.59 -6.24 -19.57
CA PHE A 306 -16.96 -5.71 -19.55
C PHE A 306 -17.77 -6.50 -20.52
N GLN A 307 -19.09 -6.52 -20.36
CA GLN A 307 -19.95 -7.11 -21.36
C GLN A 307 -19.69 -6.55 -22.77
N ASN A 308 -19.48 -5.24 -22.88
CA ASN A 308 -19.12 -4.63 -24.16
C ASN A 308 -17.81 -3.86 -23.96
N ASP A 309 -16.70 -4.51 -24.28
CA ASP A 309 -15.38 -3.93 -24.07
C ASP A 309 -15.13 -2.69 -24.93
N GLU A 310 -15.84 -2.55 -26.05
CA GLU A 310 -15.74 -1.37 -26.91
C GLU A 310 -16.41 -0.15 -26.29
N GLU A 311 -17.43 -0.36 -25.45
CA GLU A 311 -18.06 0.71 -24.71
C GLU A 311 -18.29 0.34 -23.23
N PRO A 312 -17.26 0.44 -22.38
CA PRO A 312 -17.40 0.00 -20.99
C PRO A 312 -18.41 0.84 -20.20
N LYS A 313 -19.22 0.19 -19.36
CA LYS A 313 -20.14 0.91 -18.45
C LYS A 313 -19.97 0.16 -17.13
N ALA A 314 -19.87 0.90 -16.02
CA ALA A 314 -19.66 0.31 -14.69
C ALA A 314 -20.72 -0.78 -14.36
N SER A 315 -21.94 -0.60 -14.82
CA SER A 315 -23.01 -1.58 -14.49
C SER A 315 -22.94 -2.85 -15.35
N GLU A 316 -22.05 -2.88 -16.35
CA GLU A 316 -21.91 -4.01 -17.29
C GLU A 316 -20.55 -4.71 -17.11
N ILE A 317 -19.85 -4.40 -16.02
CA ILE A 317 -18.54 -4.98 -15.76
C ILE A 317 -18.72 -6.48 -15.48
N GLN A 318 -17.82 -7.30 -16.02
CA GLN A 318 -17.82 -8.76 -15.84
CA GLN A 318 -17.88 -8.75 -15.77
C GLN A 318 -16.91 -9.21 -14.69
N ASP A 319 -15.74 -8.56 -14.60
CA ASP A 319 -14.79 -8.78 -13.51
C ASP A 319 -15.27 -7.88 -12.39
N LYS A 320 -15.90 -8.44 -11.38
CA LYS A 320 -16.55 -7.66 -10.36
C LYS A 320 -15.59 -6.98 -9.40
N ARG A 321 -14.30 -7.21 -9.53
CA ARG A 321 -13.31 -6.47 -8.72
C ARG A 321 -13.32 -4.99 -8.96
N GLY A 322 -13.70 -4.59 -10.18
CA GLY A 322 -13.77 -3.16 -10.52
C GLY A 322 -15.03 -2.51 -9.98
N ILE A 323 -14.86 -1.59 -9.01
CA ILE A 323 -15.93 -0.97 -8.26
C ILE A 323 -15.86 0.52 -8.54
N PHE A 324 -16.64 0.91 -9.54
CA PHE A 324 -16.56 2.21 -10.18
C PHE A 324 -17.86 2.95 -10.12
N TYR A 325 -17.78 4.26 -10.17
CA TYR A 325 -18.96 5.11 -10.34
C TYR A 325 -18.69 5.97 -11.58
N ASP A 326 -19.51 5.77 -12.61
CA ASP A 326 -19.25 6.32 -13.95
C ASP A 326 -20.20 7.42 -14.43
N LYS A 327 -21.10 7.86 -13.56
CA LYS A 327 -22.21 8.72 -14.00
C LYS A 327 -21.66 10.06 -14.50
N GLY A 328 -21.94 10.42 -15.75
CA GLY A 328 -21.51 11.70 -16.33
C GLY A 328 -20.03 11.78 -16.69
N ARG A 329 -19.30 10.68 -16.59
CA ARG A 329 -17.84 10.74 -16.76
C ARG A 329 -17.39 10.00 -18.01
N SER A 330 -16.42 10.57 -18.72
CA SER A 330 -15.71 9.83 -19.75
C SER A 330 -14.70 8.89 -19.10
N ILE A 331 -14.34 7.84 -19.82
CA ILE A 331 -13.32 6.90 -19.37
C ILE A 331 -11.92 7.57 -19.32
N ASP A 332 -11.58 8.34 -20.35
CA ASP A 332 -10.28 9.06 -20.47
C ASP A 332 -10.28 10.42 -19.78
N ILE A 333 -9.13 10.78 -19.21
CA ILE A 333 -8.85 12.17 -18.81
C ILE A 333 -8.12 12.86 -19.98
N THR A 334 -8.79 13.83 -20.60
CA THR A 334 -8.36 14.34 -21.89
C THR A 334 -8.00 15.85 -21.88
N SER A 335 -8.90 16.69 -21.38
CA SER A 335 -8.69 18.15 -21.41
C SER A 335 -7.73 18.55 -20.33
N SER A 336 -7.99 18.09 -19.10
CA SER A 336 -7.22 18.53 -17.94
C SER A 336 -7.44 17.56 -16.78
N VAL A 337 -6.38 17.31 -16.02
CA VAL A 337 -6.46 16.44 -14.87
C VAL A 337 -7.17 17.14 -13.71
N SER A 338 -6.91 18.43 -13.52
CA SER A 338 -7.61 19.15 -12.47
C SER A 338 -8.91 19.75 -12.96
N GLY A 339 -9.81 19.94 -12.01
CA GLY A 339 -11.10 20.53 -12.26
C GLY A 339 -12.05 19.65 -13.03
N THR A 340 -11.72 18.38 -13.26
CA THR A 340 -12.58 17.54 -14.09
C THR A 340 -13.08 16.26 -13.41
N PHE A 341 -13.10 16.26 -12.08
CA PHE A 341 -13.51 15.10 -11.32
C PHE A 341 -14.91 14.60 -11.68
N GLU A 342 -15.85 15.53 -11.90
CA GLU A 342 -17.23 15.18 -12.19
C GLU A 342 -17.42 14.76 -13.63
N THR A 343 -16.43 14.98 -14.50
CA THR A 343 -16.65 14.71 -15.94
C THR A 343 -15.60 13.88 -16.70
N GLU A 344 -14.41 13.70 -16.16
CA GLU A 344 -13.38 12.95 -16.88
C GLU A 344 -12.63 12.01 -15.95
N GLY A 345 -12.76 10.71 -16.20
CA GLY A 345 -12.18 9.69 -15.30
C GLY A 345 -13.31 9.14 -14.42
N TRP A 346 -13.47 7.82 -14.41
CA TRP A 346 -14.47 7.19 -13.55
C TRP A 346 -14.06 7.36 -12.10
N SER A 347 -15.05 7.48 -11.20
CA SER A 347 -14.73 7.48 -9.78
C SER A 347 -14.56 6.03 -9.33
N VAL A 348 -13.77 5.84 -8.28
CA VAL A 348 -13.47 4.52 -7.72
C VAL A 348 -14.05 4.48 -6.29
N PHE A 349 -15.00 3.58 -6.07
CA PHE A 349 -15.69 3.47 -4.80
C PHE A 349 -15.29 2.18 -4.07
N LYS A 350 -14.14 1.65 -4.40
CA LYS A 350 -13.65 0.38 -3.80
C LYS A 350 -13.66 0.37 -2.27
N PHE A 351 -13.13 1.43 -1.68
CA PHE A 351 -13.16 1.60 -0.24
C PHE A 351 -14.44 2.31 0.10
N SER A 352 -15.20 1.72 1.02
CA SER A 352 -16.57 2.15 1.32
C SER A 352 -16.78 2.11 2.82
N ASN A 353 -17.55 3.07 3.34
CA ASN A 353 -17.93 3.08 4.76
C ASN A 353 -19.37 2.58 4.94
N LEU A 354 -19.92 1.90 3.95
CA LEU A 354 -21.06 1.02 4.17
C LEU A 354 -20.45 -0.30 4.66
N ASN A 355 -21.16 -0.96 5.57
CA ASN A 355 -20.74 -2.28 6.01
C ASN A 355 -21.18 -3.35 5.01
N SER A 356 -20.72 -4.56 5.20
CA SER A 356 -21.09 -5.65 4.32
C SER A 356 -22.56 -6.01 4.30
N ASN A 357 -23.37 -5.54 5.25
CA ASN A 357 -24.83 -5.73 5.21
CA ASN A 357 -24.82 -5.75 5.21
C ASN A 357 -25.55 -4.53 4.61
N GLY A 358 -24.80 -3.58 4.06
CA GLY A 358 -25.37 -2.40 3.41
C GLY A 358 -25.64 -1.22 4.33
N GLN A 359 -25.42 -1.40 5.63
CA GLN A 359 -25.69 -0.32 6.60
C GLN A 359 -24.52 0.63 6.68
N PRO A 360 -24.78 1.91 6.95
CA PRO A 360 -23.60 2.78 7.12
C PRO A 360 -22.78 2.45 8.36
N GLY A 361 -21.48 2.62 8.28
CA GLY A 361 -20.62 2.56 9.47
C GLY A 361 -21.07 3.58 10.50
N LYS A 362 -20.60 3.42 11.73
CA LYS A 362 -21.19 4.14 12.85
C LYS A 362 -20.88 5.64 12.89
N ASN A 363 -19.90 6.12 12.11
CA ASN A 363 -19.69 7.56 11.98
C ASN A 363 -19.59 8.00 10.51
N THR A 364 -20.20 9.15 10.19
CA THR A 364 -20.28 9.62 8.80
C THR A 364 -18.94 10.18 8.25
N LEU A 365 -18.03 10.55 9.16
CA LEU A 365 -16.71 11.11 8.84
C LEU A 365 -15.61 10.12 9.24
N TRP A 366 -15.44 9.88 10.55
CA TRP A 366 -14.44 8.91 11.07
C TRP A 366 -14.88 7.48 10.75
N VAL A 367 -14.34 6.96 9.65
CA VAL A 367 -14.82 5.71 9.08
C VAL A 367 -14.41 4.49 9.91
N ASP A 368 -15.16 3.40 9.75
CA ASP A 368 -14.81 2.10 10.36
C ASP A 368 -13.85 1.25 9.50
N THR A 369 -13.82 1.51 8.20
CA THR A 369 -13.07 0.72 7.22
C THR A 369 -11.57 0.63 7.57
N ASP A 370 -11.01 -0.57 7.59
CA ASP A 370 -9.60 -0.79 7.89
C ASP A 370 -8.86 -0.84 6.59
N PHE A 371 -7.61 -0.36 6.58
CA PHE A 371 -6.78 -0.49 5.41
C PHE A 371 -6.10 -1.84 5.42
N PRO A 372 -6.28 -2.63 4.36
CA PRO A 372 -5.58 -3.92 4.42
C PRO A 372 -4.13 -3.80 3.90
N PHE A 374 -1.47 -5.79 4.22
CA PHE A 374 -1.09 -7.07 3.64
C PHE A 374 -2.31 -7.99 3.71
N ARG A 375 -2.59 -8.68 2.60
CA ARG A 375 -3.66 -9.68 2.56
C ARG A 375 -3.24 -10.81 1.64
N LEU A 376 -3.91 -11.95 1.77
CA LEU A 376 -3.50 -13.19 1.10
C LEU A 376 -3.60 -13.07 -0.40
N GLY A 377 -4.51 -12.25 -0.90
CA GLY A 377 -4.59 -12.09 -2.34
C GLY A 377 -3.26 -11.64 -2.94
N ASP A 378 -2.62 -10.72 -2.26
CA ASP A 378 -1.29 -10.21 -2.69
C ASP A 378 -0.27 -11.36 -2.60
N ILE A 379 -0.27 -12.10 -1.50
CA ILE A 379 0.64 -13.24 -1.32
C ILE A 379 0.54 -14.23 -2.49
N TYR A 380 -0.69 -14.55 -2.86
CA TYR A 380 -0.95 -15.43 -4.02
C TYR A 380 -0.26 -14.91 -5.27
N LEU A 381 -0.47 -13.65 -5.58
CA LEU A 381 0.10 -13.03 -6.79
C LEU A 381 1.62 -12.97 -6.68
N TYR A 383 3.54 -15.13 -5.06
CA TYR A 383 3.99 -16.47 -5.22
C TYR A 383 4.02 -16.77 -6.72
N ALA A 384 2.95 -16.42 -7.44
CA ALA A 384 2.88 -16.70 -8.88
C ALA A 384 4.00 -15.99 -9.69
N GLU A 385 4.21 -14.72 -9.39
CA GLU A 385 5.23 -13.92 -10.07
C GLU A 385 6.63 -14.44 -9.76
N ALA A 386 6.90 -14.74 -8.50
CA ALA A 386 8.23 -15.25 -8.09
C ALA A 386 8.55 -16.58 -8.80
N VAL A 387 7.55 -17.44 -8.97
CA VAL A 387 7.69 -18.71 -9.66
C VAL A 387 7.89 -18.45 -11.17
N ALA A 388 7.08 -17.57 -11.74
CA ALA A 388 7.20 -17.17 -13.13
C ALA A 388 8.62 -16.66 -13.46
N ARG A 389 9.19 -15.87 -12.57
CA ARG A 389 10.53 -15.29 -12.82
C ARG A 389 11.68 -16.21 -12.45
N GLY A 390 11.39 -17.46 -12.04
CA GLY A 390 12.41 -18.49 -11.85
C GLY A 390 12.78 -18.87 -10.43
N GLY A 391 12.02 -18.43 -9.43
CA GLY A 391 12.24 -18.89 -8.06
C GLY A 391 11.84 -20.37 -7.91
N GLU A 392 12.40 -21.03 -6.90
CA GLU A 392 12.02 -22.41 -6.60
C GLU A 392 10.60 -22.54 -6.01
N GLY A 393 9.69 -22.96 -6.85
CA GLY A 393 8.29 -23.11 -6.50
C GLY A 393 7.50 -23.78 -7.62
N SER A 394 6.18 -23.89 -7.43
CA SER A 394 5.35 -24.71 -8.28
C SER A 394 4.52 -23.89 -9.24
N LYS A 395 4.67 -24.18 -10.52
CA LYS A 395 3.84 -23.56 -11.54
C LYS A 395 2.36 -23.97 -11.40
N ALA A 396 2.13 -25.26 -11.11
CA ALA A 396 0.75 -25.75 -10.88
C ALA A 396 0.08 -24.91 -9.76
N SER A 397 0.77 -24.75 -8.63
CA SER A 397 0.24 -23.98 -7.51
C SER A 397 0.02 -22.53 -7.88
N ALA A 398 1.00 -21.91 -8.55
CA ALA A 398 0.86 -20.54 -9.06
C ALA A 398 -0.41 -20.37 -9.88
N VAL A 399 -0.63 -21.27 -10.84
CA VAL A 399 -1.86 -21.27 -11.64
C VAL A 399 -3.14 -21.43 -10.78
N GLU A 400 -3.09 -22.33 -9.80
CA GLU A 400 -4.20 -22.50 -8.84
C GLU A 400 -4.51 -21.21 -8.08
N TYR A 401 -3.47 -20.52 -7.60
CA TYR A 401 -3.70 -19.30 -6.84
C TYR A 401 -4.32 -18.16 -7.69
N ILE A 402 -3.80 -17.96 -8.92
CA ILE A 402 -4.34 -16.92 -9.82
C ILE A 402 -5.82 -17.28 -10.16
N ASN A 403 -6.08 -18.54 -10.47
CA ASN A 403 -7.42 -19.00 -10.79
C ASN A 403 -8.42 -18.86 -9.62
N ALA A 404 -7.95 -19.02 -8.39
CA ALA A 404 -8.77 -18.74 -7.22
C ALA A 404 -9.19 -17.26 -7.20
N LEU A 405 -8.25 -16.38 -7.49
CA LEU A 405 -8.56 -14.96 -7.56
C LEU A 405 -9.54 -14.66 -8.70
N ARG A 406 -9.35 -15.32 -9.84
CA ARG A 406 -10.19 -15.03 -11.00
C ARG A 406 -11.60 -15.65 -10.88
N LYS A 407 -11.70 -16.80 -10.22
CA LYS A 407 -13.02 -17.37 -9.89
C LYS A 407 -13.81 -16.45 -8.95
N ARG A 408 -13.15 -15.92 -7.92
CA ARG A 408 -13.80 -14.96 -7.07
C ARG A 408 -14.26 -13.73 -7.90
N ALA A 409 -13.41 -13.23 -8.77
CA ALA A 409 -13.67 -12.04 -9.57
C ALA A 409 -14.89 -12.21 -10.45
N TYR A 410 -14.95 -13.34 -11.16
CA TYR A 410 -15.94 -13.52 -12.19
C TYR A 410 -17.17 -14.32 -11.74
N GLY A 411 -17.07 -15.02 -10.63
CA GLY A 411 -18.16 -15.85 -10.10
C GLY A 411 -18.38 -17.12 -10.88
N ASP A 412 -17.39 -17.57 -11.65
CA ASP A 412 -17.51 -18.86 -12.35
C ASP A 412 -16.14 -19.41 -12.66
N ASP A 413 -16.10 -20.57 -13.33
CA ASP A 413 -14.83 -21.22 -13.68
C ASP A 413 -14.40 -21.04 -15.14
N LYS A 414 -14.95 -20.04 -15.83
CA LYS A 414 -14.75 -19.93 -17.26
C LYS A 414 -13.66 -18.92 -17.65
N HIS A 415 -12.91 -18.43 -16.67
CA HIS A 415 -11.86 -17.41 -16.88
C HIS A 415 -10.52 -17.82 -16.25
N ASN A 416 -10.29 -19.13 -16.20
CA ASN A 416 -9.02 -19.66 -15.75
C ASN A 416 -7.91 -19.41 -16.78
N ILE A 417 -6.69 -19.27 -16.28
CA ILE A 417 -5.50 -19.21 -17.08
C ILE A 417 -4.67 -20.49 -16.91
N SER A 418 -3.58 -20.59 -17.66
CA SER A 418 -2.70 -21.78 -17.61
C SER A 418 -1.26 -21.36 -17.39
N GLU A 419 -0.34 -22.30 -17.35
CA GLU A 419 1.04 -21.97 -16.97
C GLU A 419 1.71 -20.95 -17.90
N ASN A 420 1.54 -21.10 -19.21
CA ASN A 420 2.15 -20.16 -20.17
C ASN A 420 1.78 -18.72 -19.91
N TRP A 421 0.59 -18.53 -19.34
CA TRP A 421 0.10 -17.18 -19.09
C TRP A 421 0.97 -16.46 -18.08
N LEU A 422 1.66 -17.20 -17.20
CA LEU A 422 2.46 -16.59 -16.15
C LEU A 422 3.67 -15.83 -16.73
N GLU A 423 4.24 -16.35 -17.81
CA GLU A 423 5.51 -15.87 -18.38
C GLU A 423 5.38 -15.00 -19.62
N GLU A 424 4.26 -15.12 -20.31
CA GLU A 424 4.11 -14.48 -21.59
C GLU A 424 4.11 -12.95 -21.50
N ASN A 425 4.56 -12.35 -22.59
CA ASN A 425 4.73 -10.91 -22.66
CA ASN A 425 4.80 -10.90 -22.70
C ASN A 425 5.53 -10.34 -21.48
N ASN A 426 6.69 -10.94 -21.18
CA ASN A 426 7.53 -10.41 -20.15
CA ASN A 426 7.59 -10.48 -20.08
C ASN A 426 6.83 -10.21 -18.80
N PHE A 427 6.01 -11.21 -18.41
CA PHE A 427 5.34 -11.21 -17.10
C PHE A 427 4.23 -10.16 -16.94
N ARG A 428 3.86 -9.52 -18.04
CA ARG A 428 2.87 -8.41 -18.02
CA ARG A 428 2.90 -8.43 -18.00
C ARG A 428 1.48 -8.90 -17.57
N ASN A 429 1.15 -10.16 -17.83
CA ASN A 429 -0.18 -10.63 -17.34
C ASN A 429 -0.23 -10.53 -15.81
N LEU A 430 0.90 -10.71 -15.13
CA LEU A 430 0.94 -10.62 -13.68
C LEU A 430 0.85 -9.17 -13.22
N LEU A 431 1.43 -8.26 -13.97
CA LEU A 431 1.30 -6.85 -13.62
C LEU A 431 -0.18 -6.43 -13.77
N ASP A 432 -0.79 -6.84 -14.88
CA ASP A 432 -2.21 -6.57 -15.15
C ASP A 432 -3.09 -7.17 -14.03
N GLU A 433 -2.79 -8.40 -13.63
CA GLU A 433 -3.64 -9.06 -12.62
C GLU A 433 -3.42 -8.40 -11.23
N ARG A 434 -2.23 -7.86 -10.96
CA ARG A 434 -2.04 -7.17 -9.69
C ARG A 434 -2.79 -5.82 -9.72
N GLY A 435 -2.97 -5.29 -10.93
CA GLY A 435 -3.81 -4.13 -11.11
C GLY A 435 -5.27 -4.45 -10.82
N ARG A 436 -5.78 -5.50 -11.45
CA ARG A 436 -7.17 -5.92 -11.21
C ARG A 436 -7.47 -6.31 -9.75
N GLU A 437 -6.55 -7.04 -9.12
CA GLU A 437 -6.76 -7.48 -7.76
C GLU A 437 -6.50 -6.43 -6.70
N LEU A 438 -5.41 -5.68 -6.85
CA LEU A 438 -4.85 -4.86 -5.77
C LEU A 438 -4.95 -3.35 -6.03
N TYR A 439 -5.64 -2.93 -7.08
CA TYR A 439 -5.71 -1.50 -7.36
C TYR A 439 -6.15 -0.72 -6.13
N TRP A 440 -5.47 0.41 -5.92
CA TRP A 440 -5.77 1.35 -4.85
C TRP A 440 -5.47 0.80 -3.47
N GLU A 441 -4.67 -0.26 -3.40
CA GLU A 441 -4.17 -0.73 -2.13
C GLU A 441 -2.72 -0.34 -1.87
N GLY A 442 -2.18 0.64 -2.60
CA GLY A 442 -0.92 1.29 -2.18
C GLY A 442 0.35 0.59 -2.60
N ILE A 443 0.25 -0.26 -3.61
CA ILE A 443 1.35 -1.05 -4.07
C ILE A 443 1.66 -0.80 -5.54
N ARG A 444 0.81 -0.07 -6.26
CA ARG A 444 0.99 0.03 -7.70
C ARG A 444 2.37 0.68 -8.11
N ARG A 445 2.78 1.75 -7.46
CA ARG A 445 4.07 2.39 -7.79
C ARG A 445 5.23 1.38 -7.67
N THR A 446 5.29 0.67 -6.53
CA THR A 446 6.34 -0.36 -6.36
C THR A 446 6.33 -1.39 -7.52
N ASP A 447 5.13 -1.86 -7.89
CA ASP A 447 5.02 -2.87 -8.92
C ASP A 447 5.48 -2.34 -10.28
N LEU A 448 5.09 -1.09 -10.62
CA LEU A 448 5.51 -0.51 -11.87
C LEU A 448 7.04 -0.37 -11.90
N VAL A 449 7.66 0.00 -10.78
CA VAL A 449 9.10 0.15 -10.72
C VAL A 449 9.76 -1.20 -10.94
N ARG A 450 9.14 -2.27 -10.42
CA ARG A 450 9.69 -3.63 -10.53
C ARG A 450 9.72 -4.09 -11.98
N PHE A 451 8.70 -3.70 -12.72
CA PHE A 451 8.63 -3.98 -14.15
C PHE A 451 9.38 -2.92 -14.96
N ASP A 452 10.00 -1.96 -14.29
CA ASP A 452 10.60 -0.78 -14.94
C ASP A 452 9.66 -0.11 -15.95
N LEU A 453 8.38 -0.01 -15.58
CA LEU A 453 7.40 0.64 -16.42
C LEU A 453 6.89 1.90 -15.74
N LEU A 454 7.36 2.26 -14.53
CA LEU A 454 6.91 3.52 -13.96
C LEU A 454 7.35 4.70 -14.86
N THR A 455 8.64 4.76 -15.15
CA THR A 455 9.23 5.91 -15.89
C THR A 455 9.39 5.70 -17.40
N SER A 456 9.37 4.47 -17.87
CA SER A 456 9.63 4.18 -19.27
C SER A 456 8.58 4.81 -20.17
N GLY A 457 9.00 5.13 -21.38
CA GLY A 457 8.08 5.54 -22.45
C GLY A 457 7.33 4.41 -23.13
N SER A 458 7.67 3.16 -22.82
CA SER A 458 7.06 2.01 -23.50
C SER A 458 5.64 1.69 -22.99
N TYR A 459 5.27 2.17 -21.80
CA TYR A 459 3.94 1.96 -21.27
C TYR A 459 3.44 3.29 -20.75
N THR A 460 2.40 3.83 -21.37
CA THR A 460 1.88 5.14 -20.98
C THR A 460 0.41 5.11 -20.55
N TRP A 461 0.02 6.18 -19.89
CA TRP A 461 -1.32 6.35 -19.42
C TRP A 461 -1.66 7.82 -19.47
N ASP A 462 -2.92 8.12 -19.18
CA ASP A 462 -3.47 9.48 -19.24
C ASP A 462 -2.60 10.41 -18.39
N PHE A 463 -2.01 11.38 -19.07
CA PHE A 463 -1.21 12.44 -18.45
C PHE A 463 0.09 11.99 -17.77
N LYS A 464 0.61 10.82 -18.16
CA LYS A 464 1.92 10.38 -17.71
C LYS A 464 2.94 11.39 -18.28
N GLY A 465 3.79 11.93 -17.41
CA GLY A 465 4.80 12.91 -17.89
C GLY A 465 4.27 14.28 -18.24
N GLY A 466 2.97 14.50 -18.01
CA GLY A 466 2.33 15.79 -18.29
C GLY A 466 1.73 15.97 -19.67
N ILE A 467 1.78 14.95 -20.51
CA ILE A 467 1.18 14.99 -21.84
C ILE A 467 -0.07 14.09 -21.81
N ASN A 468 -1.17 14.55 -22.37
CA ASN A 468 -2.44 13.80 -22.23
C ASN A 468 -2.31 12.36 -22.71
N THR A 469 -1.70 12.14 -23.86
CA THR A 469 -1.55 10.77 -24.38
C THR A 469 -0.41 10.01 -23.68
N GLY A 470 0.38 10.69 -22.86
CA GLY A 470 1.38 10.05 -22.01
C GLY A 470 2.75 9.94 -22.66
N VAL A 471 3.79 10.19 -21.88
CA VAL A 471 5.18 10.08 -22.32
C VAL A 471 5.99 9.54 -21.14
N GLY A 472 7.17 8.99 -21.44
CA GLY A 472 8.08 8.57 -20.40
C GLY A 472 8.72 9.76 -19.72
N VAL A 473 9.31 9.51 -18.56
CA VAL A 473 10.00 10.49 -17.77
C VAL A 473 11.37 9.95 -17.38
N ASN A 474 12.22 10.82 -16.85
CA ASN A 474 13.53 10.35 -16.48
CA ASN A 474 13.56 10.56 -16.28
C ASN A 474 13.51 9.44 -15.26
N LYS A 475 14.42 8.47 -15.33
CA LYS A 475 14.51 7.40 -14.37
C LYS A 475 14.74 7.83 -12.92
N ARG A 476 15.19 9.07 -12.68
CA ARG A 476 15.20 9.57 -11.30
C ARG A 476 13.85 9.40 -10.59
N TYR A 477 12.77 9.43 -11.35
CA TYR A 477 11.42 9.43 -10.78
C TYR A 477 10.98 8.08 -10.17
N ASN A 478 11.77 7.02 -10.35
CA ASN A 478 11.57 5.74 -9.63
C ASN A 478 11.75 5.88 -8.09
N VAL A 479 12.35 6.97 -7.63
CA VAL A 479 12.32 7.31 -6.22
C VAL A 479 11.97 8.78 -6.03
N TYR A 480 11.51 9.12 -4.83
CA TYR A 480 11.23 10.49 -4.49
C TYR A 480 12.49 11.15 -3.88
N PRO A 481 12.58 12.47 -3.97
CA PRO A 481 13.76 13.13 -3.42
C PRO A 481 13.66 13.30 -1.91
N ILE A 482 14.79 13.15 -1.25
CA ILE A 482 14.87 13.33 0.18
C ILE A 482 14.58 14.80 0.51
N PRO A 483 13.77 15.07 1.53
CA PRO A 483 13.53 16.47 1.81
C PRO A 483 14.76 17.35 2.07
N VAL A 484 14.82 18.48 1.35
CA VAL A 484 15.82 19.50 1.54
C VAL A 484 15.81 19.97 3.01
N THR A 485 14.61 20.09 3.57
CA THR A 485 14.35 20.15 5.02
C THR A 485 15.37 19.38 5.87
N ASP A 486 15.49 18.08 5.60
CA ASP A 486 16.41 17.22 6.36
C ASP A 486 17.85 17.39 5.85
N LEU A 487 18.03 17.58 4.55
CA LEU A 487 19.39 17.80 4.01
C LEU A 487 20.07 19.05 4.63
N THR A 488 19.29 20.12 4.89
CA THR A 488 19.81 21.38 5.51
C THR A 488 20.48 21.13 6.87
N VAL A 489 19.83 20.36 7.73
CA VAL A 489 20.30 20.07 9.10
C VAL A 489 21.18 18.81 9.25
N ASN A 490 21.18 17.90 8.28
CA ASN A 490 22.05 16.71 8.33
C ASN A 490 23.05 16.67 7.15
N GLY A 491 24.31 17.05 7.44
CA GLY A 491 25.41 17.11 6.45
C GLY A 491 25.90 15.78 5.86
N ASN A 492 25.57 14.67 6.53
CA ASN A 492 25.95 13.34 6.07
C ASN A 492 24.96 12.73 5.07
N LEU A 493 23.81 13.38 4.94
CA LEU A 493 22.71 12.88 4.11
C LEU A 493 22.91 13.41 2.69
N GLN A 494 22.60 12.61 1.66
CA GLN A 494 22.78 12.95 0.24
CA GLN A 494 22.72 13.13 0.30
C GLN A 494 21.42 12.91 -0.50
N GLN A 495 21.23 13.79 -1.48
CA GLN A 495 20.05 13.72 -2.36
C GLN A 495 20.15 12.55 -3.31
N ASN A 496 19.00 12.02 -3.71
CA ASN A 496 18.92 10.97 -4.70
C ASN A 496 19.42 11.46 -6.06
N GLU A 497 20.05 10.53 -6.77
CA GLU A 497 20.73 10.80 -8.02
C GLU A 497 19.72 11.31 -9.02
N GLY A 498 20.12 12.37 -9.73
CA GLY A 498 19.36 12.97 -10.80
C GLY A 498 18.61 14.22 -10.40
N TYR A 499 18.51 14.49 -9.10
CA TYR A 499 17.69 15.62 -8.61
C TYR A 499 18.55 16.80 -8.18
#